data_4ZUH
#
_entry.id   4ZUH
#
_cell.length_a   56.681
_cell.length_b   91.881
_cell.length_c   58.012
_cell.angle_alpha   90.00
_cell.angle_beta   100.24
_cell.angle_gamma   90.00
#
_symmetry.space_group_name_H-M   'P 1 21 1'
#
loop_
_entity.id
_entity.type
_entity.pdbx_description
1 polymer 'PEDV 3C-Like protease'
2 polymer 'peptide substrate SAVLQSGF'
3 water water
#
loop_
_entity_poly.entity_id
_entity_poly.type
_entity_poly.pdbx_seq_one_letter_code
_entity_poly.pdbx_strand_id
1 'polypeptide(L)'
;AGLRKMAQPSGVVEKCIVRVCYGNMALNGLWLGDTVMCPRHVIASSTTSTIDYDYALSVLRLHNFSISSGNVFLGVVGVT
MRGALLQIKVNQNNVHTPKYTYRTVRPGESFNILACYDGAAAGVYGVNMRSNYTIRGSFINGAAGSPGYNINNGTVEFCY
LHQLELGSGCHVGSDLDGVMYGGYEDQPTLQVEGASSLFTENVLAFLYAALINGSTWWLSSSRIAVDRFNEWAVHNGMTT
VVNTDCFSILAAKTGVDVQRLLASIQSLHKNFGGKQILGYTSLTDEFTTGEVIRQMYGVHHHHHH
;
A,B
2 'polypeptide(L)' TSAVLQSGFRK C
#
# COMPACT_ATOMS: atom_id res chain seq x y z
N ALA A 1 4.03 -8.14 14.87
CA ALA A 1 4.45 -9.11 13.86
C ALA A 1 3.89 -8.79 12.47
N GLY A 2 4.47 -9.44 11.46
CA GLY A 2 4.05 -9.26 10.07
C GLY A 2 4.91 -8.25 9.33
N LEU A 3 4.93 -8.34 8.01
CA LEU A 3 5.65 -7.39 7.19
C LEU A 3 4.80 -6.98 6.00
N ARG A 4 4.47 -5.70 5.90
CA ARG A 4 3.69 -5.21 4.77
C ARG A 4 4.37 -4.01 4.15
N LYS A 5 4.40 -3.97 2.84
CA LYS A 5 4.77 -2.76 2.15
C LYS A 5 3.68 -1.76 2.43
N MET A 6 3.93 -0.82 3.34
CA MET A 6 2.91 0.17 3.64
C MET A 6 3.31 1.57 3.20
N ALA A 7 2.33 2.46 3.16
CA ALA A 7 2.57 3.86 2.88
C ALA A 7 2.34 4.66 4.14
N GLN A 8 2.90 5.85 4.19
CA GLN A 8 2.55 6.75 5.28
C GLN A 8 1.18 7.35 4.99
N PRO A 9 0.46 7.80 6.04
CA PRO A 9 -0.85 8.43 5.87
C PRO A 9 -0.77 9.55 4.85
N SER A 10 -1.75 9.60 3.96
CA SER A 10 -1.74 10.48 2.79
C SER A 10 -2.45 11.84 2.96
N GLY A 11 -3.13 12.04 4.09
CA GLY A 11 -3.98 13.20 4.28
C GLY A 11 -3.31 14.54 4.04
N VAL A 12 -2.12 14.71 4.59
CA VAL A 12 -1.35 15.93 4.38
C VAL A 12 -1.09 16.26 2.88
N VAL A 13 -0.95 15.22 2.05
CA VAL A 13 -0.61 15.39 0.63
C VAL A 13 -1.85 15.54 -0.26
N GLU A 14 -2.94 14.88 0.13
CA GLU A 14 -4.21 14.93 -0.58
C GLU A 14 -4.73 16.35 -0.78
N LYS A 15 -4.45 17.21 0.19
CA LYS A 15 -4.91 18.59 0.09
C LYS A 15 -4.07 19.45 -0.89
N CYS A 16 -3.04 18.86 -1.47
CA CYS A 16 -2.20 19.57 -2.41
C CYS A 16 -2.45 19.16 -3.85
N ILE A 17 -3.47 18.33 -4.08
CA ILE A 17 -3.68 17.82 -5.43
C ILE A 17 -4.63 18.70 -6.21
N VAL A 18 -4.22 19.08 -7.42
CA VAL A 18 -5.11 19.82 -8.29
C VAL A 18 -5.22 19.11 -9.62
N ARG A 19 -6.28 19.42 -10.35
CA ARG A 19 -6.43 18.91 -11.70
C ARG A 19 -5.87 20.00 -12.60
N VAL A 20 -5.07 19.62 -13.58
CA VAL A 20 -4.57 20.58 -14.57
C VAL A 20 -4.96 20.17 -15.99
N CYS A 21 -5.73 21.03 -16.65
CA CYS A 21 -6.23 20.75 -17.99
C CYS A 21 -5.76 21.79 -19.00
N TYR A 22 -5.40 21.32 -20.19
CA TYR A 22 -5.02 22.21 -21.28
C TYR A 22 -5.41 21.60 -22.62
N GLY A 23 -6.30 22.27 -23.34
CA GLY A 23 -6.86 21.71 -24.56
C GLY A 23 -7.43 20.32 -24.33
N ASN A 24 -6.91 19.35 -25.06
CA ASN A 24 -7.34 17.95 -24.94
C ASN A 24 -6.70 17.18 -23.79
N MET A 25 -5.66 17.75 -23.18
CA MET A 25 -4.89 17.06 -22.15
C MET A 25 -5.38 17.38 -20.73
N ALA A 26 -5.45 16.37 -19.91
CA ALA A 26 -5.75 16.52 -18.49
C ALA A 26 -4.87 15.58 -17.66
N LEU A 27 -4.25 16.13 -16.62
CA LEU A 27 -3.45 15.37 -15.68
C LEU A 27 -3.52 16.05 -14.32
N ASN A 28 -2.65 15.64 -13.41
CA ASN A 28 -2.67 16.17 -12.05
C ASN A 28 -1.51 17.11 -11.81
N GLY A 29 -1.70 18.03 -10.87
CA GLY A 29 -0.66 18.95 -10.49
C GLY A 29 -0.56 19.04 -8.98
N LEU A 30 0.53 19.63 -8.48
CA LEU A 30 0.84 19.72 -7.06
C LEU A 30 0.86 21.20 -6.65
N TRP A 31 -0.05 21.56 -5.76
CA TRP A 31 -0.29 22.95 -5.44
C TRP A 31 0.35 23.26 -4.10
N LEU A 32 1.48 23.94 -4.13
CA LEU A 32 2.15 24.34 -2.89
C LEU A 32 2.33 25.86 -2.90
N GLY A 33 1.90 26.51 -1.83
CA GLY A 33 1.90 27.96 -1.75
C GLY A 33 1.06 28.51 -2.88
N ASP A 34 1.66 29.35 -3.71
CA ASP A 34 0.94 29.89 -4.87
C ASP A 34 1.48 29.34 -6.19
N THR A 35 1.93 28.09 -6.13
CA THR A 35 2.50 27.45 -7.31
C THR A 35 1.87 26.11 -7.63
N VAL A 36 1.69 25.84 -8.92
CA VAL A 36 1.30 24.51 -9.33
C VAL A 36 2.40 23.87 -10.19
N MET A 37 2.90 22.72 -9.72
CA MET A 37 3.83 21.89 -10.49
C MET A 37 3.10 20.75 -11.19
N CYS A 38 3.38 20.57 -12.48
CA CYS A 38 2.77 19.48 -13.21
C CYS A 38 3.70 19.13 -14.36
N PRO A 39 3.55 17.91 -14.92
CA PRO A 39 4.39 17.52 -16.06
C PRO A 39 4.08 18.42 -17.25
N ARG A 40 5.13 18.82 -17.94
CA ARG A 40 5.01 19.77 -19.04
C ARG A 40 4.34 19.17 -20.29
N HIS A 41 4.14 17.86 -20.32
CA HIS A 41 3.46 17.29 -21.49
C HIS A 41 1.96 17.62 -21.57
N VAL A 42 1.41 18.24 -20.52
CA VAL A 42 0.02 18.71 -20.55
C VAL A 42 -0.18 19.76 -21.65
N ILE A 43 0.90 20.40 -22.10
CA ILE A 43 0.79 21.41 -23.14
C ILE A 43 1.25 20.90 -24.51
N ALA A 44 1.50 19.59 -24.61
CA ALA A 44 1.89 19.01 -25.88
C ALA A 44 0.66 18.85 -26.76
N SER A 45 0.82 19.18 -28.03
CA SER A 45 -0.25 19.03 -29.00
C SER A 45 -0.03 17.79 -29.85
N SER A 46 0.22 16.65 -29.20
CA SER A 46 0.53 15.43 -29.95
C SER A 46 0.60 14.15 -29.11
N THR A 47 1.65 14.03 -28.31
CA THR A 47 2.12 12.74 -27.76
C THR A 47 2.06 11.56 -28.78
N THR A 48 2.76 11.73 -29.90
CA THR A 48 2.99 10.68 -30.88
C THR A 48 4.15 11.04 -31.82
N SER A 49 4.52 12.33 -31.80
CA SER A 49 5.69 12.83 -32.51
C SER A 49 6.55 13.57 -31.49
N THR A 50 7.78 13.97 -31.86
CA THR A 50 8.65 14.66 -30.89
C THR A 50 8.28 16.12 -30.64
N ILE A 51 7.88 16.40 -29.40
CA ILE A 51 7.44 17.72 -28.98
C ILE A 51 8.60 18.73 -28.86
N ASP A 52 8.39 19.94 -29.39
CA ASP A 52 9.26 21.06 -29.06
C ASP A 52 8.54 21.81 -27.94
N TYR A 53 8.92 21.52 -26.71
CA TYR A 53 8.27 22.10 -25.54
C TYR A 53 8.41 23.63 -25.45
N ASP A 54 9.51 24.16 -25.95
CA ASP A 54 9.75 25.59 -25.90
C ASP A 54 8.80 26.30 -26.85
N TYR A 55 8.65 25.74 -28.04
CA TYR A 55 7.66 26.25 -28.99
C TYR A 55 6.23 26.22 -28.40
N ALA A 56 5.84 25.03 -27.93
CA ALA A 56 4.54 24.84 -27.30
C ALA A 56 4.30 25.87 -26.20
N LEU A 57 5.31 26.11 -25.36
CA LEU A 57 5.15 27.11 -24.33
C LEU A 57 4.99 28.50 -24.93
N SER A 58 5.73 28.79 -25.99
CA SER A 58 5.76 30.15 -26.52
C SER A 58 4.39 30.53 -27.10
N VAL A 59 3.72 29.57 -27.72
CA VAL A 59 2.41 29.79 -28.34
C VAL A 59 1.23 29.52 -27.40
N LEU A 60 1.52 29.19 -26.14
CA LEU A 60 0.52 28.88 -25.12
C LEU A 60 -0.39 30.07 -24.77
N ARG A 61 -1.65 29.79 -24.45
CA ARG A 61 -2.58 30.82 -23.98
C ARG A 61 -3.01 30.58 -22.54
N LEU A 62 -2.62 31.46 -21.62
CA LEU A 62 -2.84 31.26 -20.18
C LEU A 62 -4.30 30.98 -19.80
N HIS A 63 -5.23 31.40 -20.64
CA HIS A 63 -6.65 31.27 -20.34
C HIS A 63 -7.14 29.89 -20.76
N ASN A 64 -6.36 29.22 -21.59
CA ASN A 64 -6.72 27.89 -22.07
C ASN A 64 -6.50 26.83 -21.01
N PHE A 65 -5.91 27.23 -19.89
CA PHE A 65 -5.74 26.37 -18.73
C PHE A 65 -7.01 26.25 -17.92
N SER A 66 -7.17 25.10 -17.28
CA SER A 66 -8.20 24.94 -16.30
C SER A 66 -7.55 24.21 -15.15
N ILE A 67 -7.33 24.93 -14.06
CA ILE A 67 -6.75 24.32 -12.87
C ILE A 67 -7.76 24.41 -11.74
N SER A 68 -8.01 23.27 -11.10
CA SER A 68 -9.01 23.22 -10.03
C SER A 68 -8.65 22.31 -8.86
N SER A 69 -9.05 22.76 -7.68
CA SER A 69 -9.01 21.95 -6.46
C SER A 69 -10.45 21.71 -6.02
N GLY A 70 -10.98 20.53 -6.31
CA GLY A 70 -12.39 20.27 -6.12
C GLY A 70 -13.18 21.23 -6.99
N ASN A 71 -14.08 22.00 -6.38
CA ASN A 71 -14.83 23.02 -7.11
C ASN A 71 -14.09 24.36 -7.25
N VAL A 72 -13.01 24.52 -6.50
CA VAL A 72 -12.22 25.76 -6.47
C VAL A 72 -11.31 25.87 -7.70
N PHE A 73 -11.62 26.80 -8.60
CA PHE A 73 -10.77 27.07 -9.77
C PHE A 73 -9.68 28.12 -9.51
N LEU A 74 -8.52 27.94 -10.15
CA LEU A 74 -7.38 28.77 -9.86
C LEU A 74 -7.01 29.55 -11.11
N GLY A 75 -6.75 30.84 -10.95
CA GLY A 75 -6.41 31.68 -12.08
C GLY A 75 -4.92 31.65 -12.30
N VAL A 76 -4.49 31.59 -13.56
CA VAL A 76 -3.07 31.46 -13.85
C VAL A 76 -2.40 32.81 -14.07
N VAL A 77 -1.37 33.08 -13.27
CA VAL A 77 -0.69 34.36 -13.30
C VAL A 77 0.47 34.30 -14.29
N GLY A 78 1.17 33.17 -14.28
CA GLY A 78 2.33 32.99 -15.16
C GLY A 78 2.80 31.55 -15.17
N VAL A 79 3.43 31.16 -16.28
CA VAL A 79 4.00 29.84 -16.44
C VAL A 79 5.47 29.93 -16.83
N THR A 80 6.34 29.27 -16.08
CA THR A 80 7.72 29.07 -16.52
C THR A 80 8.00 27.57 -16.64
N MET A 81 9.00 27.22 -17.43
CA MET A 81 9.40 25.84 -17.61
C MET A 81 10.50 25.42 -16.64
N ARG A 82 10.37 24.22 -16.08
CA ARG A 82 11.26 23.79 -14.98
C ARG A 82 11.67 22.35 -15.24
N GLY A 83 12.71 22.17 -16.04
CA GLY A 83 13.02 20.86 -16.58
C GLY A 83 11.80 20.24 -17.26
N ALA A 84 11.42 19.05 -16.80
CA ALA A 84 10.28 18.35 -17.40
C ALA A 84 8.97 18.75 -16.73
N LEU A 85 9.00 19.84 -15.97
CA LEU A 85 7.81 20.35 -15.30
C LEU A 85 7.44 21.75 -15.78
N LEU A 86 6.16 22.09 -15.65
CA LEU A 86 5.74 23.46 -15.75
C LEU A 86 5.66 23.97 -14.33
N GLN A 87 6.11 25.20 -14.13
CA GLN A 87 5.96 25.86 -12.84
C GLN A 87 4.92 26.95 -13.01
N ILE A 88 3.71 26.70 -12.51
CA ILE A 88 2.57 27.57 -12.76
C ILE A 88 2.27 28.46 -11.57
N LYS A 89 2.42 29.76 -11.74
CA LYS A 89 2.08 30.67 -10.67
C LYS A 89 0.58 30.90 -10.72
N VAL A 90 -0.10 30.65 -9.61
CA VAL A 90 -1.55 30.80 -9.57
C VAL A 90 -1.94 31.96 -8.64
N ASN A 91 -3.18 32.44 -8.74
CA ASN A 91 -3.61 33.62 -7.99
C ASN A 91 -3.95 33.40 -6.51
N GLN A 92 -4.02 32.13 -6.07
CA GLN A 92 -4.33 31.82 -4.68
C GLN A 92 -3.27 30.95 -4.01
N ASN A 93 -2.99 31.25 -2.75
CA ASN A 93 -2.25 30.32 -1.90
C ASN A 93 -3.09 29.14 -1.44
N ASN A 94 -2.48 27.96 -1.41
CA ASN A 94 -3.09 26.80 -0.79
C ASN A 94 -2.90 26.91 0.73
N VAL A 95 -3.98 27.24 1.44
CA VAL A 95 -3.90 27.40 2.90
C VAL A 95 -3.51 26.10 3.59
N HIS A 96 -3.69 24.98 2.89
CA HIS A 96 -3.35 23.68 3.45
C HIS A 96 -1.98 23.16 3.02
N THR A 97 -1.11 24.06 2.56
CA THR A 97 0.26 23.70 2.26
C THR A 97 0.98 23.21 3.52
N PRO A 98 1.40 21.93 3.52
CA PRO A 98 2.18 21.44 4.64
C PRO A 98 3.58 22.03 4.62
N LYS A 99 4.29 21.91 5.73
CA LYS A 99 5.73 22.12 5.77
C LYS A 99 6.34 21.07 4.82
N TYR A 100 7.14 21.51 3.86
CA TYR A 100 7.69 20.57 2.90
C TYR A 100 9.13 20.84 2.46
N THR A 101 9.77 19.80 1.92
CA THR A 101 11.03 19.94 1.19
C THR A 101 10.99 19.16 -0.12
N TYR A 102 11.96 19.42 -0.99
CA TYR A 102 12.21 18.56 -2.14
C TYR A 102 13.47 17.75 -1.87
N ARG A 103 13.45 16.48 -2.21
CA ARG A 103 14.68 15.70 -2.26
C ARG A 103 14.59 14.65 -3.35
N THR A 104 15.66 14.54 -4.12
CA THR A 104 15.78 13.55 -5.17
C THR A 104 16.10 12.23 -4.48
N VAL A 105 15.43 11.14 -4.87
CA VAL A 105 15.74 9.85 -4.26
C VAL A 105 16.78 9.12 -5.07
N ARG A 106 17.49 8.22 -4.41
CA ARG A 106 18.50 7.39 -5.06
C ARG A 106 17.96 5.98 -5.31
N PRO A 107 18.57 5.25 -6.22
CA PRO A 107 18.14 3.86 -6.40
C PRO A 107 18.27 3.10 -5.09
N GLY A 108 17.25 2.30 -4.78
CA GLY A 108 17.24 1.49 -3.57
C GLY A 108 16.42 2.11 -2.46
N GLU A 109 16.08 3.38 -2.62
CA GLU A 109 15.32 4.11 -1.61
C GLU A 109 13.81 3.92 -1.77
N SER A 110 13.10 3.87 -0.65
CA SER A 110 11.66 3.73 -0.67
C SER A 110 10.96 5.08 -0.56
N PHE A 111 9.77 5.16 -1.16
CA PHE A 111 8.89 6.31 -0.98
C PHE A 111 7.42 5.94 -1.23
N ASN A 112 6.54 6.91 -1.03
CA ASN A 112 5.10 6.72 -1.18
C ASN A 112 4.57 7.33 -2.47
N ILE A 113 3.78 6.54 -3.20
CA ILE A 113 3.01 7.05 -4.35
C ILE A 113 1.55 7.34 -4.01
N LEU A 114 1.12 8.57 -4.24
CA LEU A 114 -0.29 8.91 -4.18
C LEU A 114 -0.78 8.98 -5.62
N ALA A 115 -1.41 7.90 -6.09
CA ALA A 115 -1.92 7.83 -7.44
C ALA A 115 -3.17 8.70 -7.58
N CYS A 116 -3.17 9.63 -8.54
CA CYS A 116 -4.28 10.56 -8.72
C CYS A 116 -4.87 10.55 -10.14
N TYR A 117 -6.15 10.84 -10.24
CA TYR A 117 -6.85 10.96 -11.51
C TYR A 117 -7.77 12.16 -11.39
N ASP A 118 -7.79 13.02 -12.41
CA ASP A 118 -8.65 14.20 -12.42
C ASP A 118 -8.47 15.08 -11.19
N GLY A 119 -7.25 15.18 -10.71
CA GLY A 119 -6.96 16.05 -9.58
C GLY A 119 -7.44 15.58 -8.23
N ALA A 120 -7.72 14.29 -8.11
CA ALA A 120 -8.10 13.72 -6.81
C ALA A 120 -7.35 12.39 -6.54
N ALA A 121 -6.80 12.24 -5.34
CA ALA A 121 -6.15 10.99 -4.94
C ALA A 121 -7.10 9.78 -4.97
N ALA A 122 -6.69 8.72 -5.67
CA ALA A 122 -7.45 7.48 -5.79
C ALA A 122 -6.88 6.35 -4.93
N GLY A 123 -5.57 6.31 -4.79
CA GLY A 123 -4.89 5.23 -4.09
C GLY A 123 -3.56 5.65 -3.52
N VAL A 124 -3.04 4.89 -2.56
CA VAL A 124 -1.71 5.18 -2.03
C VAL A 124 -0.95 3.90 -1.78
N TYR A 125 0.29 3.82 -2.28
CA TYR A 125 1.08 2.62 -2.11
C TYR A 125 2.59 2.91 -2.09
N GLY A 126 3.33 2.08 -1.36
CA GLY A 126 4.76 2.22 -1.23
C GLY A 126 5.49 1.64 -2.43
N VAL A 127 6.61 2.27 -2.79
CA VAL A 127 7.42 1.79 -3.89
C VAL A 127 8.88 1.88 -3.50
N ASN A 128 9.74 1.29 -4.32
CA ASN A 128 11.18 1.37 -4.11
C ASN A 128 11.83 1.63 -5.45
N MET A 129 12.71 2.63 -5.50
CA MET A 129 13.35 3.06 -6.73
C MET A 129 14.32 1.99 -7.23
N ARG A 130 14.14 1.55 -8.47
CA ARG A 130 14.98 0.48 -8.97
C ARG A 130 16.33 0.95 -9.51
N SER A 131 17.23 0.00 -9.73
CA SER A 131 18.60 0.33 -10.14
C SER A 131 18.67 0.98 -11.51
N ASN A 132 17.67 0.71 -12.36
CA ASN A 132 17.53 1.41 -13.65
C ASN A 132 16.59 2.63 -13.58
N TYR A 133 16.37 3.12 -12.37
CA TYR A 133 15.60 4.35 -12.17
C TYR A 133 14.12 4.30 -12.58
N THR A 134 13.52 3.11 -12.52
CA THR A 134 12.09 3.00 -12.69
C THR A 134 11.45 2.51 -11.40
N ILE A 135 10.12 2.58 -11.35
CA ILE A 135 9.38 1.94 -10.26
C ILE A 135 8.37 0.95 -10.83
N ARG A 136 8.11 -0.11 -10.09
CA ARG A 136 7.10 -1.09 -10.49
C ARG A 136 5.78 -0.61 -9.88
N GLY A 137 5.06 0.23 -10.60
CA GLY A 137 3.87 0.84 -10.03
C GLY A 137 2.61 0.41 -10.74
N SER A 138 1.53 1.11 -10.47
CA SER A 138 0.28 0.82 -11.13
C SER A 138 -0.34 2.14 -11.52
N PHE A 139 -0.33 2.42 -12.81
CA PHE A 139 -0.82 3.69 -13.36
C PHE A 139 -1.51 3.47 -14.69
N ILE A 140 -2.62 4.15 -14.90
CA ILE A 140 -3.22 4.20 -16.23
C ILE A 140 -3.32 5.66 -16.68
N ASN A 141 -3.96 5.89 -17.82
CA ASN A 141 -4.02 7.24 -18.37
C ASN A 141 -4.71 8.25 -17.46
N GLY A 142 -4.10 9.42 -17.35
CA GLY A 142 -4.57 10.43 -16.43
C GLY A 142 -3.79 10.49 -15.13
N ALA A 143 -2.82 9.57 -14.95
CA ALA A 143 -2.08 9.47 -13.69
C ALA A 143 -0.87 10.41 -13.60
N ALA A 144 -0.46 10.97 -14.74
CA ALA A 144 0.68 11.89 -14.75
C ALA A 144 0.46 13.00 -13.75
N GLY A 145 1.53 13.40 -13.07
CA GLY A 145 1.43 14.39 -12.03
C GLY A 145 1.28 13.79 -10.64
N SER A 146 0.90 12.51 -10.56
CA SER A 146 0.87 11.81 -9.29
C SER A 146 2.17 11.98 -8.52
N PRO A 147 2.07 12.43 -7.26
CA PRO A 147 3.27 12.73 -6.49
C PRO A 147 3.82 11.54 -5.72
N GLY A 148 5.15 11.54 -5.57
CA GLY A 148 5.83 10.64 -4.66
C GLY A 148 6.33 11.46 -3.49
N TYR A 149 6.28 10.89 -2.30
CA TYR A 149 6.59 11.63 -1.07
C TYR A 149 7.11 10.71 0.03
N ASN A 150 7.88 11.30 0.95
CA ASN A 150 8.18 10.68 2.23
C ASN A 150 7.79 11.68 3.34
N ILE A 151 7.31 11.17 4.46
CA ILE A 151 7.01 12.06 5.58
C ILE A 151 7.97 11.82 6.74
N ASN A 152 8.69 12.86 7.12
CA ASN A 152 9.72 12.74 8.14
C ASN A 152 9.58 13.89 9.14
N ASN A 153 9.08 13.57 10.33
CA ASN A 153 8.89 14.56 11.41
C ASN A 153 7.97 15.72 11.06
N GLY A 154 6.79 15.43 10.51
CA GLY A 154 5.87 16.47 10.10
C GLY A 154 6.18 17.13 8.76
N THR A 155 7.45 17.12 8.34
CA THR A 155 7.81 17.68 7.04
C THR A 155 7.55 16.70 5.89
N VAL A 156 6.82 17.14 4.88
CA VAL A 156 6.59 16.33 3.69
C VAL A 156 7.75 16.53 2.73
N GLU A 157 8.44 15.45 2.42
CA GLU A 157 9.55 15.51 1.47
C GLU A 157 9.06 14.96 0.14
N PHE A 158 8.87 15.84 -0.84
CA PHE A 158 8.42 15.47 -2.19
C PHE A 158 9.57 15.01 -3.08
N CYS A 159 9.41 13.84 -3.70
CA CYS A 159 10.54 13.28 -4.44
C CYS A 159 10.24 12.83 -5.85
N TYR A 160 8.96 12.85 -6.24
CA TYR A 160 8.54 12.23 -7.48
C TYR A 160 7.28 12.88 -8.01
N LEU A 161 7.23 13.07 -9.32
CA LEU A 161 6.01 13.46 -10.00
C LEU A 161 5.94 12.57 -11.19
N HIS A 162 4.88 11.78 -11.29
CA HIS A 162 4.81 10.76 -12.33
C HIS A 162 4.79 11.35 -13.76
N GLN A 163 5.48 10.71 -14.69
CA GLN A 163 5.60 11.27 -16.03
C GLN A 163 5.13 10.31 -17.10
N LEU A 164 5.71 9.13 -17.14
CA LEU A 164 5.41 8.21 -18.21
C LEU A 164 5.56 6.74 -17.83
N GLU A 165 5.11 5.87 -18.73
CA GLU A 165 5.21 4.43 -18.59
C GLU A 165 5.99 3.90 -19.80
N LEU A 166 7.04 3.12 -19.56
CA LEU A 166 7.84 2.57 -20.66
C LEU A 166 7.14 1.39 -21.33
N GLY A 167 7.74 0.89 -22.41
CA GLY A 167 7.18 -0.22 -23.16
C GLY A 167 6.93 -1.45 -22.30
N SER A 168 7.80 -1.68 -21.32
CA SER A 168 7.68 -2.81 -20.41
C SER A 168 6.59 -2.60 -19.38
N GLY A 169 6.02 -1.40 -19.33
CA GLY A 169 4.93 -1.13 -18.43
C GLY A 169 5.38 -0.68 -17.05
N CYS A 170 6.68 -0.38 -16.92
CA CYS A 170 7.22 0.20 -15.70
C CYS A 170 7.23 1.73 -15.81
N HIS A 171 7.48 2.40 -14.70
CA HIS A 171 7.11 3.80 -14.59
C HIS A 171 8.23 4.75 -14.26
N VAL A 172 8.12 5.94 -14.84
CA VAL A 172 9.18 6.92 -14.79
C VAL A 172 8.61 8.27 -14.40
N GLY A 173 9.25 8.93 -13.45
CA GLY A 173 8.85 10.28 -13.08
C GLY A 173 10.05 11.20 -13.09
N SER A 174 9.84 12.47 -12.75
CA SER A 174 10.93 13.41 -12.54
C SER A 174 10.95 13.78 -11.07
N ASP A 175 12.03 14.37 -10.61
CA ASP A 175 11.99 14.93 -9.27
C ASP A 175 11.27 16.28 -9.31
N LEU A 176 11.19 16.96 -8.18
CA LEU A 176 10.45 18.22 -8.15
C LEU A 176 11.30 19.39 -8.67
N ASP A 177 12.55 19.11 -9.03
CA ASP A 177 13.37 20.10 -9.72
C ASP A 177 13.13 20.00 -11.21
N GLY A 178 12.38 18.98 -11.62
CA GLY A 178 12.08 18.75 -13.01
C GLY A 178 13.10 17.90 -13.73
N VAL A 179 14.00 17.28 -12.98
CA VAL A 179 14.96 16.35 -13.57
C VAL A 179 14.39 14.93 -13.62
N MET A 180 14.30 14.37 -14.82
CA MET A 180 13.83 13.00 -14.99
C MET A 180 14.75 11.98 -14.32
N TYR A 181 14.15 11.06 -13.59
CA TYR A 181 14.91 9.95 -13.06
C TYR A 181 15.45 9.10 -14.21
N GLY A 182 16.74 8.78 -14.15
CA GLY A 182 17.35 7.90 -15.14
C GLY A 182 17.62 8.53 -16.49
N GLY A 183 17.38 9.83 -16.59
CA GLY A 183 17.61 10.55 -17.83
C GLY A 183 16.70 10.12 -18.98
N TYR A 184 15.59 9.43 -18.67
CA TYR A 184 14.61 9.11 -19.71
C TYR A 184 14.03 10.40 -20.28
N GLU A 185 13.44 10.32 -21.48
CA GLU A 185 12.89 11.49 -22.15
C GLU A 185 11.38 11.56 -22.07
N ASP A 186 10.85 12.75 -21.79
CA ASP A 186 9.41 12.95 -21.88
C ASP A 186 9.01 13.14 -23.35
N GLN A 187 9.29 12.12 -24.14
CA GLN A 187 8.91 12.07 -25.53
C GLN A 187 8.28 10.70 -25.77
N PRO A 188 7.35 10.61 -26.73
CA PRO A 188 6.68 9.35 -27.08
C PRO A 188 7.59 8.38 -27.85
N THR A 189 8.89 8.68 -27.90
CA THR A 189 9.87 7.87 -28.60
C THR A 189 10.02 6.44 -28.04
N LEU A 190 10.89 5.66 -28.69
CA LEU A 190 11.13 4.27 -28.33
C LEU A 190 12.21 4.17 -27.27
N GLN A 191 11.81 4.16 -26.00
CA GLN A 191 12.78 4.03 -24.91
C GLN A 191 12.73 2.65 -24.25
N VAL A 192 13.89 2.06 -24.02
CA VAL A 192 13.95 0.78 -23.33
C VAL A 192 14.60 0.91 -21.95
N GLU A 193 13.93 0.41 -20.92
CA GLU A 193 14.51 0.47 -19.60
C GLU A 193 15.79 -0.36 -19.59
N GLY A 194 16.77 0.07 -18.83
CA GLY A 194 18.03 -0.64 -18.76
C GLY A 194 17.93 -1.93 -17.96
N ALA A 195 19.08 -2.59 -17.80
CA ALA A 195 19.20 -3.76 -16.94
C ALA A 195 18.85 -3.36 -15.51
N SER A 196 18.32 -4.30 -14.74
CA SER A 196 17.95 -4.01 -13.36
C SER A 196 18.48 -5.04 -12.36
N SER A 197 19.07 -4.58 -11.27
CA SER A 197 19.61 -5.49 -10.26
C SER A 197 18.91 -5.41 -8.90
N LEU A 198 18.71 -6.58 -8.30
CA LEU A 198 18.23 -6.71 -6.93
C LEU A 198 19.13 -5.95 -5.96
N PHE A 199 18.55 -5.06 -5.16
CA PHE A 199 19.32 -4.40 -4.11
C PHE A 199 19.57 -5.32 -2.93
N THR A 200 20.75 -5.90 -2.94
CA THR A 200 21.16 -6.86 -1.92
C THR A 200 20.91 -6.38 -0.49
N GLU A 201 21.25 -5.12 -0.20
CA GLU A 201 21.04 -4.61 1.16
C GLU A 201 19.58 -4.59 1.53
N ASN A 202 18.72 -4.38 0.54
CA ASN A 202 17.28 -4.48 0.78
C ASN A 202 16.83 -5.93 1.03
N VAL A 203 17.37 -6.87 0.26
CA VAL A 203 17.10 -8.30 0.44
C VAL A 203 17.56 -8.77 1.83
N LEU A 204 18.68 -8.22 2.29
CA LEU A 204 19.14 -8.50 3.64
C LEU A 204 18.10 -8.04 4.67
N ALA A 205 17.59 -6.83 4.48
CA ALA A 205 16.61 -6.28 5.39
C ALA A 205 15.39 -7.18 5.42
N PHE A 206 14.97 -7.65 4.25
CA PHE A 206 13.85 -8.56 4.16
C PHE A 206 14.09 -9.85 4.95
N LEU A 207 15.24 -10.49 4.74
CA LEU A 207 15.57 -11.71 5.48
C LEU A 207 15.62 -11.52 7.00
N TYR A 208 16.13 -10.37 7.45
CA TYR A 208 16.11 -10.06 8.87
C TYR A 208 14.66 -9.99 9.38
N ALA A 209 13.77 -9.38 8.60
CA ALA A 209 12.35 -9.27 8.97
C ALA A 209 11.72 -10.65 8.99
N ALA A 210 12.19 -11.52 8.10
CA ALA A 210 11.74 -12.90 8.08
C ALA A 210 12.13 -13.63 9.36
N LEU A 211 13.38 -13.48 9.80
CA LEU A 211 13.82 -14.08 11.08
C LEU A 211 13.04 -13.53 12.28
N ILE A 212 12.89 -12.21 12.34
CA ILE A 212 12.14 -11.59 13.44
C ILE A 212 10.71 -12.10 13.48
N ASN A 213 10.18 -12.52 12.34
CA ASN A 213 8.85 -13.10 12.28
C ASN A 213 8.85 -14.61 12.30
N GLY A 214 9.98 -15.22 12.64
CA GLY A 214 10.00 -16.65 12.90
C GLY A 214 10.16 -17.52 11.67
N SER A 215 10.52 -16.92 10.54
CA SER A 215 10.87 -17.72 9.37
C SER A 215 12.37 -18.03 9.40
N THR A 216 12.72 -19.31 9.50
CA THR A 216 14.12 -19.69 9.72
C THR A 216 14.58 -20.87 8.90
N TRP A 217 13.67 -21.52 8.18
CA TRP A 217 13.99 -22.76 7.46
C TRP A 217 15.09 -22.58 6.41
N TRP A 218 15.27 -21.36 5.94
CA TRP A 218 16.17 -21.07 4.83
C TRP A 218 17.53 -20.63 5.34
N LEU A 219 17.65 -20.42 6.66
CA LEU A 219 18.87 -19.84 7.20
C LEU A 219 20.06 -20.79 7.12
N SER A 220 21.12 -20.34 6.46
CA SER A 220 22.33 -21.14 6.24
C SER A 220 23.17 -21.26 7.52
N SER A 221 23.94 -22.33 7.61
CA SER A 221 24.93 -22.47 8.68
C SER A 221 26.30 -22.03 8.17
N SER A 222 26.45 -22.06 6.85
CA SER A 222 27.64 -21.53 6.19
C SER A 222 27.64 -20.00 6.21
N ARG A 223 28.83 -19.42 6.09
CA ARG A 223 28.97 -17.99 5.92
C ARG A 223 29.62 -17.71 4.58
N ILE A 224 29.70 -16.44 4.22
CA ILE A 224 30.50 -16.04 3.07
C ILE A 224 30.84 -14.56 3.22
N ALA A 225 32.10 -14.24 2.99
CA ALA A 225 32.58 -12.88 3.20
C ALA A 225 31.95 -11.99 2.15
N VAL A 226 31.76 -10.72 2.51
CA VAL A 226 31.19 -9.73 1.60
C VAL A 226 31.98 -9.65 0.29
N ASP A 227 33.31 -9.62 0.43
CA ASP A 227 34.24 -9.67 -0.70
C ASP A 227 33.84 -10.78 -1.68
N ARG A 228 33.77 -12.00 -1.17
CA ARG A 228 33.46 -13.17 -1.98
C ARG A 228 32.06 -13.07 -2.59
N PHE A 229 31.09 -12.67 -1.76
CA PHE A 229 29.72 -12.51 -2.23
C PHE A 229 29.66 -11.54 -3.40
N ASN A 230 30.27 -10.36 -3.21
CA ASN A 230 30.28 -9.32 -4.24
C ASN A 230 30.77 -9.78 -5.61
N GLU A 231 31.78 -10.64 -5.63
CA GLU A 231 32.22 -11.27 -6.87
C GLU A 231 31.07 -12.03 -7.52
N TRP A 232 30.34 -12.79 -6.71
CA TRP A 232 29.23 -13.59 -7.21
C TRP A 232 28.03 -12.74 -7.67
N ALA A 233 27.72 -11.69 -6.91
CA ALA A 233 26.53 -10.87 -7.13
C ALA A 233 26.48 -10.26 -8.52
N VAL A 234 27.60 -9.70 -8.94
CA VAL A 234 27.67 -8.97 -10.19
C VAL A 234 27.51 -9.89 -11.44
N HIS A 235 27.55 -11.21 -11.23
CA HIS A 235 27.28 -12.17 -12.28
C HIS A 235 25.87 -12.73 -12.16
N ASN A 236 25.18 -12.35 -11.09
CA ASN A 236 23.90 -12.96 -10.76
C ASN A 236 22.78 -11.96 -10.52
N GLY A 237 22.89 -10.79 -11.15
CA GLY A 237 21.86 -9.75 -11.11
C GLY A 237 21.55 -9.14 -9.76
N MET A 238 22.56 -9.05 -8.88
CA MET A 238 22.38 -8.41 -7.58
C MET A 238 23.47 -7.38 -7.38
N THR A 239 23.19 -6.37 -6.56
CA THR A 239 24.18 -5.31 -6.31
C THR A 239 25.22 -5.79 -5.31
N THR A 240 26.35 -5.09 -5.30
CA THR A 240 27.39 -5.39 -4.34
C THR A 240 27.01 -4.78 -3.01
N VAL A 241 27.47 -5.39 -1.93
CA VAL A 241 27.20 -4.87 -0.61
C VAL A 241 28.30 -3.91 -0.24
N VAL A 242 27.92 -2.67 0.03
CA VAL A 242 28.87 -1.65 0.45
C VAL A 242 28.88 -1.52 1.98
N ASN A 243 27.80 -0.99 2.54
CA ASN A 243 27.73 -0.69 3.97
C ASN A 243 26.98 -1.74 4.79
N THR A 244 27.57 -2.16 5.90
CA THR A 244 26.92 -3.13 6.77
C THR A 244 26.66 -2.54 8.15
N ASP A 245 26.88 -1.24 8.29
CA ASP A 245 26.60 -0.56 9.54
C ASP A 245 25.09 -0.53 9.81
N CYS A 246 24.31 -0.49 8.72
CA CYS A 246 22.85 -0.45 8.82
C CYS A 246 22.24 -1.76 9.32
N PHE A 247 23.03 -2.81 9.43
CA PHE A 247 22.50 -4.07 9.94
C PHE A 247 22.80 -4.37 11.40
N SER A 248 23.41 -3.41 12.10
CA SER A 248 23.84 -3.62 13.47
C SER A 248 22.71 -4.00 14.40
N ILE A 249 21.66 -3.18 14.43
CA ILE A 249 20.54 -3.44 15.32
C ILE A 249 19.79 -4.72 14.92
N LEU A 250 19.65 -4.96 13.62
CA LEU A 250 18.94 -6.16 13.16
C LEU A 250 19.73 -7.45 13.47
N ALA A 251 21.05 -7.38 13.40
CA ALA A 251 21.88 -8.54 13.72
C ALA A 251 21.93 -8.73 15.22
N ALA A 252 21.90 -7.61 15.95
CA ALA A 252 21.81 -7.66 17.39
C ALA A 252 20.47 -8.23 17.80
N LYS A 253 19.41 -7.86 17.09
CA LYS A 253 18.07 -8.31 17.44
C LYS A 253 17.90 -9.80 17.21
N THR A 254 18.56 -10.31 16.18
CA THR A 254 18.33 -11.68 15.75
C THR A 254 19.44 -12.65 16.11
N GLY A 255 20.63 -12.12 16.36
CA GLY A 255 21.78 -12.96 16.59
C GLY A 255 22.26 -13.61 15.31
N VAL A 256 21.86 -13.05 14.18
CA VAL A 256 22.32 -13.52 12.88
C VAL A 256 23.11 -12.42 12.15
N ASP A 257 24.33 -12.75 11.72
CA ASP A 257 25.16 -11.76 11.02
C ASP A 257 25.02 -11.79 9.49
N VAL A 258 25.37 -10.66 8.87
CA VAL A 258 25.27 -10.47 7.42
C VAL A 258 25.84 -11.63 6.59
N GLN A 259 26.89 -12.26 7.09
CA GLN A 259 27.60 -13.29 6.33
C GLN A 259 26.80 -14.59 6.14
N ARG A 260 26.07 -15.00 7.16
CA ARG A 260 25.15 -16.13 7.04
C ARG A 260 24.01 -15.81 6.06
N LEU A 261 23.54 -14.57 6.11
CA LEU A 261 22.47 -14.12 5.21
C LEU A 261 22.92 -14.09 3.74
N LEU A 262 24.16 -13.67 3.51
CA LEU A 262 24.68 -13.65 2.15
C LEU A 262 24.73 -15.07 1.58
N ALA A 263 25.08 -16.04 2.42
CA ALA A 263 25.06 -17.44 2.03
C ALA A 263 23.64 -17.92 1.72
N SER A 264 22.68 -17.51 2.55
CA SER A 264 21.30 -17.89 2.32
C SER A 264 20.80 -17.31 1.00
N ILE A 265 21.19 -16.07 0.71
CA ILE A 265 20.79 -15.39 -0.52
C ILE A 265 21.24 -16.17 -1.76
N GLN A 266 22.45 -16.70 -1.71
CA GLN A 266 22.97 -17.52 -2.80
C GLN A 266 22.11 -18.77 -3.07
N SER A 267 21.64 -19.42 -2.02
CA SER A 267 20.75 -20.58 -2.15
C SER A 267 19.39 -20.17 -2.69
N LEU A 268 18.83 -19.12 -2.08
CA LEU A 268 17.49 -18.68 -2.39
C LEU A 268 17.38 -18.02 -3.75
N HIS A 269 18.45 -17.38 -4.21
CA HIS A 269 18.44 -16.74 -5.52
C HIS A 269 18.11 -17.75 -6.61
N LYS A 270 18.66 -18.95 -6.47
CA LYS A 270 18.39 -20.04 -7.40
C LYS A 270 16.91 -20.42 -7.33
N ASN A 271 16.47 -20.84 -6.14
CA ASN A 271 15.11 -21.34 -5.98
C ASN A 271 14.64 -21.25 -4.52
N PHE A 272 13.33 -21.12 -4.31
CA PHE A 272 12.78 -21.27 -2.98
C PHE A 272 12.33 -22.71 -2.77
N GLY A 273 12.62 -23.55 -3.76
CA GLY A 273 12.39 -24.98 -3.65
C GLY A 273 10.99 -25.40 -3.26
N GLY A 274 10.00 -24.62 -3.67
CA GLY A 274 8.61 -24.96 -3.39
C GLY A 274 8.04 -24.24 -2.21
N LYS A 275 8.89 -23.61 -1.40
CA LYS A 275 8.42 -22.95 -0.17
C LYS A 275 8.25 -21.42 -0.26
N GLN A 276 7.75 -20.84 0.83
CA GLN A 276 7.48 -19.41 0.93
C GLN A 276 8.25 -18.77 2.08
N ILE A 277 8.53 -17.47 1.96
CA ILE A 277 9.12 -16.70 3.06
C ILE A 277 8.27 -15.45 3.25
N LEU A 278 7.50 -15.40 4.34
CA LEU A 278 6.52 -14.34 4.54
C LEU A 278 5.65 -14.17 3.30
N GLY A 279 5.26 -15.29 2.70
CA GLY A 279 4.40 -15.27 1.53
C GLY A 279 5.09 -15.05 0.18
N TYR A 280 6.39 -14.76 0.21
CA TYR A 280 7.13 -14.56 -1.04
C TYR A 280 7.70 -15.89 -1.55
N THR A 281 7.71 -16.06 -2.86
CA THR A 281 8.29 -17.26 -3.47
C THR A 281 9.58 -16.94 -4.20
N SER A 282 10.03 -15.70 -4.04
CA SER A 282 11.29 -15.26 -4.59
C SER A 282 11.77 -14.04 -3.77
N LEU A 283 13.03 -13.66 -3.92
CA LEU A 283 13.60 -12.59 -3.09
C LEU A 283 13.09 -11.22 -3.51
N THR A 284 12.74 -10.40 -2.53
CA THR A 284 12.31 -9.02 -2.75
C THR A 284 13.37 -8.08 -2.27
N ASP A 285 13.52 -6.97 -2.99
CA ASP A 285 14.39 -5.89 -2.55
C ASP A 285 13.55 -4.63 -2.36
N GLU A 286 12.27 -4.79 -2.09
CA GLU A 286 11.39 -3.63 -1.95
C GLU A 286 11.44 -2.98 -0.56
N PHE A 287 12.00 -3.69 0.42
CA PHE A 287 12.08 -3.17 1.78
C PHE A 287 13.49 -2.67 2.10
N THR A 288 13.56 -1.47 2.66
CA THR A 288 14.82 -0.97 3.13
C THR A 288 15.01 -1.40 4.58
N THR A 289 16.26 -1.35 5.02
CA THR A 289 16.61 -1.53 6.41
C THR A 289 15.78 -0.63 7.33
N GLY A 290 15.59 0.62 6.90
CA GLY A 290 14.79 1.58 7.63
C GLY A 290 13.34 1.19 7.83
N GLU A 291 12.66 0.80 6.74
CA GLU A 291 11.27 0.33 6.84
C GLU A 291 11.17 -0.85 7.79
N VAL A 292 12.05 -1.83 7.62
CA VAL A 292 12.03 -3.03 8.45
C VAL A 292 12.18 -2.72 9.95
N ILE A 293 13.16 -1.88 10.30
CA ILE A 293 13.42 -1.53 11.70
C ILE A 293 12.21 -0.80 12.30
N ARG A 294 11.67 0.14 11.54
CA ARG A 294 10.50 0.91 11.96
C ARG A 294 9.25 0.03 12.08
N GLN A 295 9.13 -0.96 11.20
CA GLN A 295 7.97 -1.82 11.22
C GLN A 295 8.10 -2.87 12.33
N MET A 296 9.32 -3.32 12.60
CA MET A 296 9.50 -4.33 13.66
C MET A 296 9.50 -3.71 15.05
N TYR A 297 9.88 -2.44 15.18
CA TYR A 297 10.17 -1.90 16.52
C TYR A 297 9.61 -0.52 16.80
N GLY A 298 9.21 0.20 15.77
CA GLY A 298 8.80 1.59 15.93
C GLY A 298 9.99 2.52 15.85
N ALA B 1 -0.72 0.44 -16.92
CA ALA B 1 -0.26 -0.91 -16.62
C ALA B 1 0.24 -1.07 -15.17
N GLY B 2 0.33 -2.33 -14.74
CA GLY B 2 0.82 -2.64 -13.42
C GLY B 2 -0.34 -3.08 -12.55
N LEU B 3 0.00 -3.76 -11.45
CA LEU B 3 -0.98 -4.13 -10.45
C LEU B 3 -0.33 -4.02 -9.08
N ARG B 4 -0.86 -3.13 -8.23
CA ARG B 4 -0.31 -2.93 -6.90
C ARG B 4 -1.44 -2.94 -5.90
N LYS B 5 -1.18 -3.57 -4.75
CA LYS B 5 -2.14 -3.56 -3.66
C LYS B 5 -2.11 -2.16 -3.08
N MET B 6 -3.20 -1.42 -3.24
CA MET B 6 -3.25 -0.07 -2.70
C MET B 6 -4.21 0.09 -1.53
N ALA B 7 -3.99 1.18 -0.81
CA ALA B 7 -4.92 1.67 0.16
C ALA B 7 -5.61 2.87 -0.45
N GLN B 8 -6.89 3.06 -0.13
CA GLN B 8 -7.57 4.32 -0.44
C GLN B 8 -6.98 5.44 0.43
N PRO B 9 -7.05 6.69 -0.06
CA PRO B 9 -6.38 7.75 0.70
C PRO B 9 -6.96 7.82 2.10
N SER B 10 -6.12 8.05 3.09
CA SER B 10 -6.54 7.89 4.48
C SER B 10 -6.92 9.20 5.16
N GLY B 11 -6.84 10.32 4.45
CA GLY B 11 -7.02 11.62 5.06
C GLY B 11 -8.28 11.78 5.91
N VAL B 12 -9.40 11.39 5.33
CA VAL B 12 -10.69 11.56 6.01
C VAL B 12 -10.79 10.77 7.33
N VAL B 13 -10.10 9.63 7.41
CA VAL B 13 -10.08 8.82 8.62
C VAL B 13 -9.06 9.31 9.65
N GLU B 14 -7.97 9.91 9.16
CA GLU B 14 -6.86 10.35 10.01
C GLU B 14 -7.34 11.29 11.12
N LYS B 15 -8.37 12.07 10.82
CA LYS B 15 -8.90 13.09 11.72
C LYS B 15 -9.85 12.49 12.78
N CYS B 16 -10.07 11.18 12.71
CA CYS B 16 -10.97 10.53 13.66
C CYS B 16 -10.24 9.71 14.70
N ILE B 17 -8.91 9.74 14.66
CA ILE B 17 -8.11 8.94 15.60
C ILE B 17 -7.85 9.70 16.88
N VAL B 18 -8.05 9.03 18.00
CA VAL B 18 -7.69 9.58 19.29
C VAL B 18 -6.87 8.59 20.06
N ARG B 19 -6.19 9.06 21.09
CA ARG B 19 -5.45 8.18 21.96
C ARG B 19 -6.33 7.93 23.18
N VAL B 20 -6.51 6.67 23.54
CA VAL B 20 -7.33 6.34 24.70
C VAL B 20 -6.46 5.68 25.75
N CYS B 21 -6.27 6.36 26.86
CA CYS B 21 -5.55 5.79 28.00
C CYS B 21 -6.47 5.52 29.18
N TYR B 22 -6.17 4.43 29.87
CA TYR B 22 -6.84 4.12 31.12
C TYR B 22 -5.86 3.36 31.99
N GLY B 23 -5.50 3.94 33.13
CA GLY B 23 -4.49 3.39 34.02
C GLY B 23 -3.18 3.12 33.29
N ASN B 24 -2.78 1.86 33.25
CA ASN B 24 -1.53 1.45 32.59
C ASN B 24 -1.64 1.17 31.09
N MET B 25 -2.86 1.00 30.59
CA MET B 25 -3.08 0.67 29.17
C MET B 25 -3.19 1.92 28.30
N ALA B 26 -2.62 1.85 27.10
CA ALA B 26 -2.86 2.88 26.10
C ALA B 26 -3.12 2.22 24.75
N LEU B 27 -4.10 2.74 24.03
CA LEU B 27 -4.34 2.30 22.66
C LEU B 27 -5.04 3.37 21.84
N ASN B 28 -5.56 2.98 20.68
CA ASN B 28 -6.23 3.96 19.84
C ASN B 28 -7.76 3.86 19.89
N GLY B 29 -8.42 5.00 19.74
CA GLY B 29 -9.86 5.05 19.63
C GLY B 29 -10.30 5.74 18.36
N LEU B 30 -11.55 5.49 17.97
CA LEU B 30 -12.17 6.09 16.81
C LEU B 30 -13.27 7.07 17.26
N TRP B 31 -13.03 8.35 17.04
CA TRP B 31 -13.88 9.42 17.52
C TRP B 31 -14.81 9.88 16.41
N LEU B 32 -16.09 9.57 16.57
CA LEU B 32 -17.10 9.99 15.60
C LEU B 32 -18.28 10.65 16.34
N GLY B 33 -18.64 11.87 15.95
CA GLY B 33 -19.66 12.61 16.68
C GLY B 33 -19.17 12.90 18.09
N ASP B 34 -19.91 12.44 19.10
CA ASP B 34 -19.47 12.61 20.49
C ASP B 34 -19.20 11.25 21.12
N THR B 35 -18.77 10.31 20.30
CA THR B 35 -18.53 8.95 20.73
C THR B 35 -17.10 8.53 20.36
N VAL B 36 -16.42 7.90 21.30
CA VAL B 36 -15.14 7.29 21.01
C VAL B 36 -15.29 5.78 21.12
N MET B 37 -15.01 5.05 20.04
CA MET B 37 -14.97 3.58 20.10
C MET B 37 -13.53 3.07 20.27
N CYS B 38 -13.32 2.15 21.21
CA CYS B 38 -12.01 1.52 21.37
C CYS B 38 -12.16 0.08 21.84
N PRO B 39 -11.10 -0.73 21.71
CA PRO B 39 -11.18 -2.12 22.20
C PRO B 39 -11.35 -2.11 23.70
N ARG B 40 -12.21 -3.00 24.22
CA ARG B 40 -12.50 -2.97 25.64
C ARG B 40 -11.36 -3.46 26.53
N HIS B 41 -10.29 -4.01 25.95
CA HIS B 41 -9.17 -4.44 26.80
C HIS B 41 -8.33 -3.29 27.39
N VAL B 42 -8.59 -2.07 26.94
CA VAL B 42 -7.96 -0.91 27.57
C VAL B 42 -8.25 -0.83 29.08
N ILE B 43 -9.33 -1.48 29.55
CA ILE B 43 -9.68 -1.38 30.96
C ILE B 43 -9.40 -2.67 31.74
N ALA B 44 -8.72 -3.61 31.09
CA ALA B 44 -8.38 -4.88 31.73
C ALA B 44 -7.05 -4.80 32.45
N SER B 45 -6.87 -5.64 33.47
CA SER B 45 -5.59 -5.73 34.17
C SER B 45 -4.63 -6.70 33.46
N THR B 50 -7.80 -15.19 32.60
CA THR B 50 -8.95 -14.60 31.90
C THR B 50 -9.43 -13.31 32.54
N ILE B 51 -10.32 -12.61 31.83
CA ILE B 51 -10.77 -11.28 32.23
C ILE B 51 -12.31 -11.23 32.25
N ASP B 52 -12.87 -10.72 33.34
CA ASP B 52 -14.31 -10.50 33.46
C ASP B 52 -14.52 -9.02 33.17
N TYR B 53 -14.97 -8.71 31.95
CA TYR B 53 -15.06 -7.31 31.51
C TYR B 53 -16.19 -6.55 32.21
N ASP B 54 -17.22 -7.26 32.65
CA ASP B 54 -18.34 -6.58 33.31
C ASP B 54 -17.91 -6.09 34.70
N TYR B 55 -17.14 -6.94 35.38
CA TYR B 55 -16.56 -6.56 36.66
C TYR B 55 -15.59 -5.38 36.49
N ALA B 56 -14.71 -5.49 35.49
CA ALA B 56 -13.76 -4.43 35.18
C ALA B 56 -14.49 -3.13 34.91
N LEU B 57 -15.62 -3.22 34.21
CA LEU B 57 -16.41 -2.03 33.92
C LEU B 57 -17.14 -1.54 35.17
N SER B 58 -17.51 -2.47 36.06
CA SER B 58 -18.25 -2.10 37.28
C SER B 58 -17.38 -1.38 38.30
N VAL B 59 -16.07 -1.63 38.28
CA VAL B 59 -15.14 -0.99 39.20
C VAL B 59 -14.43 0.23 38.60
N LEU B 60 -14.85 0.64 37.41
CA LEU B 60 -14.15 1.68 36.65
C LEU B 60 -14.56 3.12 37.01
N ARG B 61 -13.57 4.01 37.09
CA ARG B 61 -13.85 5.45 37.29
C ARG B 61 -13.62 6.23 36.00
N LEU B 62 -14.62 6.98 35.58
CA LEU B 62 -14.53 7.79 34.38
C LEU B 62 -13.31 8.71 34.37
N HIS B 63 -12.98 9.28 35.53
CA HIS B 63 -11.90 10.26 35.61
C HIS B 63 -10.51 9.63 35.38
N ASN B 64 -10.46 8.30 35.39
CA ASN B 64 -9.22 7.56 35.12
C ASN B 64 -8.89 7.42 33.63
N PHE B 65 -9.84 7.79 32.78
CA PHE B 65 -9.60 7.81 31.34
C PHE B 65 -8.79 9.03 30.95
N SER B 66 -7.95 8.87 29.96
CA SER B 66 -7.31 10.02 29.35
C SER B 66 -7.48 9.88 27.85
N ILE B 67 -8.32 10.74 27.28
CA ILE B 67 -8.61 10.66 25.86
C ILE B 67 -8.18 11.95 25.20
N SER B 68 -7.34 11.83 24.17
CA SER B 68 -6.79 13.01 23.54
C SER B 68 -6.78 12.94 22.03
N SER B 69 -7.12 14.08 21.42
CA SER B 69 -6.88 14.30 20.00
C SER B 69 -5.76 15.32 19.92
N GLY B 70 -4.56 14.87 19.57
CA GLY B 70 -3.39 15.72 19.63
C GLY B 70 -3.09 16.02 21.08
N ASN B 71 -2.90 17.29 21.41
CA ASN B 71 -2.72 17.71 22.79
C ASN B 71 -4.01 18.21 23.44
N VAL B 72 -5.14 17.97 22.76
CA VAL B 72 -6.45 18.34 23.28
C VAL B 72 -7.13 17.15 23.96
N PHE B 73 -7.39 17.25 25.26
CA PHE B 73 -8.03 16.17 26.00
C PHE B 73 -9.55 16.31 25.99
N LEU B 74 -10.26 15.18 25.83
CA LEU B 74 -11.71 15.21 25.78
C LEU B 74 -12.30 14.81 27.12
N GLY B 75 -13.41 15.42 27.47
CA GLY B 75 -14.11 15.07 28.71
C GLY B 75 -15.00 13.86 28.52
N VAL B 76 -14.87 12.91 29.42
CA VAL B 76 -15.56 11.65 29.32
C VAL B 76 -16.86 11.68 30.13
N VAL B 77 -17.98 11.47 29.43
CA VAL B 77 -19.31 11.64 29.97
C VAL B 77 -19.91 10.31 30.43
N GLY B 78 -19.69 9.27 29.65
CA GLY B 78 -20.17 7.94 29.97
C GLY B 78 -19.48 6.86 29.14
N VAL B 79 -19.64 5.61 29.58
CA VAL B 79 -19.10 4.46 28.87
C VAL B 79 -20.17 3.35 28.83
N THR B 80 -20.35 2.69 27.69
CA THR B 80 -21.10 1.45 27.69
C THR B 80 -20.35 0.34 26.94
N MET B 81 -20.60 -0.88 27.38
CA MET B 81 -20.02 -2.06 26.77
C MET B 81 -20.69 -2.29 25.42
N ARG B 82 -19.91 -2.70 24.43
CA ARG B 82 -20.44 -2.95 23.10
C ARG B 82 -19.69 -4.11 22.47
N GLY B 83 -20.10 -5.32 22.83
CA GLY B 83 -19.33 -6.51 22.51
C GLY B 83 -17.88 -6.37 22.97
N ALA B 84 -16.93 -6.56 22.05
CA ALA B 84 -15.52 -6.44 22.38
C ALA B 84 -15.03 -4.99 22.34
N LEU B 85 -15.96 -4.04 22.23
CA LEU B 85 -15.61 -2.62 22.20
C LEU B 85 -16.19 -1.90 23.39
N LEU B 86 -15.63 -0.73 23.67
CA LEU B 86 -16.25 0.23 24.57
C LEU B 86 -16.78 1.33 23.71
N GLN B 87 -17.98 1.79 24.04
CA GLN B 87 -18.52 2.98 23.43
C GLN B 87 -18.42 4.08 24.49
N ILE B 88 -17.52 5.03 24.27
CA ILE B 88 -17.26 6.08 25.26
C ILE B 88 -17.84 7.42 24.82
N LYS B 89 -18.80 7.92 25.59
CA LYS B 89 -19.43 9.19 25.26
C LYS B 89 -18.53 10.31 25.77
N VAL B 90 -18.21 11.26 24.89
CA VAL B 90 -17.33 12.36 25.26
C VAL B 90 -18.05 13.70 25.19
N ASN B 91 -17.47 14.74 25.80
CA ASN B 91 -18.16 16.03 25.86
C ASN B 91 -17.95 16.95 24.66
N GLN B 92 -17.40 16.42 23.57
CA GLN B 92 -17.18 17.23 22.37
C GLN B 92 -17.52 16.50 21.08
N ASN B 93 -18.02 17.24 20.11
CA ASN B 93 -18.24 16.68 18.80
C ASN B 93 -16.98 16.83 17.94
N ASN B 94 -16.53 15.73 17.35
CA ASN B 94 -15.51 15.79 16.33
C ASN B 94 -16.08 16.53 15.13
N VAL B 95 -15.58 17.73 14.88
CA VAL B 95 -16.04 18.55 13.76
C VAL B 95 -15.66 17.93 12.42
N HIS B 96 -14.66 17.05 12.43
CA HIS B 96 -14.23 16.40 11.20
C HIS B 96 -14.83 15.01 11.01
N THR B 97 -15.89 14.71 11.74
CA THR B 97 -16.63 13.48 11.55
C THR B 97 -17.15 13.38 10.10
N PRO B 98 -16.68 12.38 9.35
CA PRO B 98 -17.13 12.21 7.97
C PRO B 98 -18.51 11.56 7.90
N LYS B 99 -19.13 11.61 6.73
CA LYS B 99 -20.29 10.79 6.47
C LYS B 99 -19.81 9.35 6.62
N TYR B 100 -20.49 8.55 7.43
CA TYR B 100 -20.01 7.18 7.62
C TYR B 100 -21.12 6.14 7.86
N THR B 101 -20.77 4.87 7.62
CA THR B 101 -21.58 3.74 8.03
C THR B 101 -20.71 2.62 8.65
N TYR B 102 -21.35 1.63 9.28
CA TYR B 102 -20.66 0.43 9.72
C TYR B 102 -21.02 -0.72 8.78
N ARG B 103 -20.04 -1.53 8.39
CA ARG B 103 -20.33 -2.77 7.68
C ARG B 103 -19.37 -3.88 8.06
N THR B 104 -19.89 -5.07 8.26
CA THR B 104 -19.08 -6.23 8.57
C THR B 104 -18.60 -6.86 7.27
N VAL B 105 -17.28 -6.95 7.08
CA VAL B 105 -16.73 -7.57 5.89
C VAL B 105 -16.82 -9.09 5.96
N ARG B 106 -16.83 -9.70 4.80
CA ARG B 106 -16.88 -11.13 4.71
C ARG B 106 -15.56 -11.60 4.13
N PRO B 107 -15.20 -12.86 4.37
CA PRO B 107 -13.94 -13.42 3.86
C PRO B 107 -13.77 -13.18 2.38
N GLY B 108 -12.56 -12.83 1.95
CA GLY B 108 -12.30 -12.52 0.56
C GLY B 108 -12.44 -11.04 0.24
N GLU B 109 -13.09 -10.27 1.10
CA GLU B 109 -13.29 -8.85 0.76
C GLU B 109 -12.10 -7.97 1.18
N SER B 110 -11.84 -6.94 0.39
CA SER B 110 -10.73 -6.05 0.69
C SER B 110 -11.16 -4.84 1.54
N PHE B 111 -10.24 -4.36 2.36
CA PHE B 111 -10.41 -3.07 3.02
C PHE B 111 -9.05 -2.46 3.36
N ASN B 112 -9.08 -1.26 3.90
CA ASN B 112 -7.87 -0.55 4.26
C ASN B 112 -7.59 -0.60 5.75
N ILE B 113 -6.32 -0.76 6.11
CA ILE B 113 -5.90 -0.61 7.51
C ILE B 113 -5.15 0.72 7.70
N LEU B 114 -5.55 1.49 8.71
CA LEU B 114 -4.82 2.67 9.13
C LEU B 114 -4.12 2.34 10.45
N ALA B 115 -2.86 1.92 10.37
CA ALA B 115 -2.10 1.50 11.54
C ALA B 115 -1.76 2.70 12.42
N CYS B 116 -2.27 2.70 13.66
CA CYS B 116 -2.13 3.82 14.59
C CYS B 116 -1.37 3.49 15.88
N TYR B 117 -0.65 4.48 16.38
CA TYR B 117 0.07 4.37 17.65
C TYR B 117 -0.05 5.70 18.37
N ASP B 118 -0.43 5.63 19.65
CA ASP B 118 -0.58 6.82 20.50
C ASP B 118 -1.60 7.82 19.96
N GLY B 119 -2.62 7.31 19.28
CA GLY B 119 -3.66 8.16 18.74
C GLY B 119 -3.26 8.88 17.47
N ALA B 120 -2.29 8.34 16.75
CA ALA B 120 -1.82 8.97 15.51
C ALA B 120 -1.57 7.96 14.40
N ALA B 121 -2.07 8.26 13.21
CA ALA B 121 -1.90 7.38 12.07
C ALA B 121 -0.40 7.29 11.72
N ALA B 122 0.09 6.07 11.55
CA ALA B 122 1.53 5.89 11.25
C ALA B 122 1.74 5.27 9.87
N GLY B 123 0.75 4.54 9.38
CA GLY B 123 0.89 3.81 8.14
C GLY B 123 -0.46 3.40 7.63
N VAL B 124 -0.55 3.23 6.32
CA VAL B 124 -1.77 2.78 5.68
C VAL B 124 -1.43 1.70 4.65
N TYR B 125 -2.23 0.65 4.62
CA TYR B 125 -2.05 -0.45 3.69
C TYR B 125 -3.35 -1.23 3.51
N GLY B 126 -3.53 -1.80 2.31
CA GLY B 126 -4.73 -2.55 2.00
C GLY B 126 -4.60 -3.98 2.49
N VAL B 127 -5.73 -4.57 2.90
CA VAL B 127 -5.74 -5.97 3.32
C VAL B 127 -6.92 -6.70 2.73
N ASN B 128 -6.99 -7.99 3.01
CA ASN B 128 -8.05 -8.84 2.51
C ASN B 128 -8.40 -9.85 3.58
N MET B 129 -9.67 -9.87 4.00
CA MET B 129 -10.11 -10.79 5.05
C MET B 129 -9.94 -12.26 4.61
N ARG B 130 -9.19 -13.04 5.37
CA ARG B 130 -8.93 -14.41 4.98
C ARG B 130 -10.05 -15.35 5.37
N SER B 131 -9.97 -16.58 4.86
CA SER B 131 -11.01 -17.57 5.07
C SER B 131 -11.18 -17.94 6.54
N ASN B 132 -10.11 -17.81 7.32
CA ASN B 132 -10.17 -18.06 8.77
C ASN B 132 -10.38 -16.76 9.58
N TYR B 133 -10.99 -15.78 8.94
CA TYR B 133 -11.31 -14.49 9.57
C TYR B 133 -10.14 -13.73 10.20
N THR B 134 -8.94 -13.91 9.68
CA THR B 134 -7.79 -13.11 10.13
C THR B 134 -7.27 -12.31 8.95
N ILE B 135 -6.40 -11.35 9.23
CA ILE B 135 -5.72 -10.61 8.17
C ILE B 135 -4.20 -10.71 8.33
N ARG B 136 -3.50 -10.67 7.20
CA ARG B 136 -2.05 -10.62 7.19
C ARG B 136 -1.61 -9.16 7.31
N GLY B 137 -1.66 -8.63 8.51
CA GLY B 137 -1.34 -7.25 8.73
C GLY B 137 0.08 -7.03 9.16
N SER B 138 0.33 -5.82 9.63
CA SER B 138 1.61 -5.48 10.24
C SER B 138 1.33 -4.56 11.41
N PHE B 139 1.50 -5.09 12.62
CA PHE B 139 1.12 -4.40 13.83
C PHE B 139 2.12 -4.76 14.91
N ILE B 140 2.46 -3.79 15.74
CA ILE B 140 3.20 -4.09 16.94
C ILE B 140 2.45 -3.49 18.13
N ASN B 141 2.95 -3.74 19.33
CA ASN B 141 2.26 -3.34 20.56
C ASN B 141 1.87 -1.88 20.52
N GLY B 142 0.60 -1.59 20.84
CA GLY B 142 0.07 -0.25 20.80
C GLY B 142 -0.88 0.01 19.64
N ALA B 143 -0.97 -0.97 18.73
CA ALA B 143 -1.78 -0.85 17.51
C ALA B 143 -3.26 -1.04 17.75
N ALA B 144 -3.63 -1.65 18.87
CA ALA B 144 -5.03 -1.98 19.15
C ALA B 144 -5.91 -0.74 18.98
N GLY B 145 -7.02 -0.91 18.28
CA GLY B 145 -7.92 0.20 18.02
C GLY B 145 -7.69 0.81 16.66
N SER B 146 -6.68 0.34 15.94
CA SER B 146 -6.45 0.78 14.58
C SER B 146 -7.68 0.45 13.72
N PRO B 147 -8.16 1.43 12.94
CA PRO B 147 -9.40 1.15 12.25
C PRO B 147 -9.18 0.61 10.85
N GLY B 148 -10.11 -0.25 10.43
CA GLY B 148 -10.18 -0.72 9.07
C GLY B 148 -11.35 -0.02 8.44
N TYR B 149 -11.21 0.36 7.17
CA TYR B 149 -12.24 1.16 6.51
C TYR B 149 -12.28 0.92 5.00
N ASN B 150 -13.42 1.25 4.40
CA ASN B 150 -13.59 1.30 2.95
C ASN B 150 -14.24 2.63 2.60
N ILE B 151 -13.80 3.24 1.49
CA ILE B 151 -14.40 4.50 1.08
C ILE B 151 -15.27 4.29 -0.14
N ASN B 152 -16.55 4.59 0.01
CA ASN B 152 -17.53 4.27 -1.02
C ASN B 152 -18.42 5.48 -1.27
N ASN B 153 -18.23 6.11 -2.43
CA ASN B 153 -19.03 7.26 -2.83
C ASN B 153 -19.19 8.31 -1.74
N GLY B 154 -18.05 8.78 -1.23
CA GLY B 154 -18.04 9.81 -0.20
C GLY B 154 -18.37 9.34 1.20
N THR B 155 -18.79 8.09 1.36
CA THR B 155 -19.09 7.56 2.68
C THR B 155 -17.96 6.66 3.18
N VAL B 156 -17.53 6.88 4.42
CA VAL B 156 -16.57 5.97 5.04
C VAL B 156 -17.27 4.78 5.70
N GLU B 157 -16.97 3.57 5.23
CA GLU B 157 -17.49 2.37 5.87
C GLU B 157 -16.46 1.79 6.81
N PHE B 158 -16.70 1.94 8.11
CA PHE B 158 -15.80 1.35 9.08
C PHE B 158 -16.16 -0.13 9.27
N CYS B 159 -15.15 -0.99 9.19
CA CYS B 159 -15.43 -2.42 9.20
C CYS B 159 -14.58 -3.22 10.17
N TYR B 160 -13.64 -2.56 10.85
CA TYR B 160 -12.62 -3.27 11.58
C TYR B 160 -11.99 -2.33 12.61
N LEU B 161 -11.87 -2.78 13.85
CA LEU B 161 -11.02 -2.12 14.84
C LEU B 161 -10.04 -3.17 15.34
N HIS B 162 -8.74 -2.88 15.26
CA HIS B 162 -7.75 -3.91 15.61
C HIS B 162 -7.82 -4.32 17.07
N GLN B 163 -7.73 -5.64 17.32
CA GLN B 163 -7.91 -6.18 18.67
C GLN B 163 -6.69 -6.91 19.21
N LEU B 164 -6.16 -7.85 18.42
CA LEU B 164 -5.08 -8.70 18.90
C LEU B 164 -4.36 -9.50 17.81
N GLU B 165 -3.25 -10.11 18.20
CA GLU B 165 -2.43 -10.90 17.32
C GLU B 165 -2.36 -12.33 17.85
N LEU B 166 -2.50 -13.30 16.96
CA LEU B 166 -2.46 -14.69 17.37
C LEU B 166 -1.02 -15.22 17.43
N GLY B 167 -0.85 -16.39 18.03
CA GLY B 167 0.45 -17.03 18.15
C GLY B 167 1.23 -17.10 16.84
N SER B 168 0.52 -17.23 15.73
CA SER B 168 1.15 -17.30 14.42
C SER B 168 1.44 -15.94 13.81
N GLY B 169 1.29 -14.88 14.61
CA GLY B 169 1.57 -13.53 14.13
C GLY B 169 0.57 -12.95 13.12
N CYS B 170 -0.62 -13.54 13.04
CA CYS B 170 -1.68 -13.00 12.19
C CYS B 170 -2.69 -12.27 13.07
N HIS B 171 -3.54 -11.46 12.44
CA HIS B 171 -4.23 -10.43 13.20
C HIS B 171 -5.74 -10.53 13.26
N VAL B 172 -6.26 -10.14 14.41
CA VAL B 172 -7.68 -10.28 14.69
C VAL B 172 -8.29 -8.96 15.16
N GLY B 173 -9.47 -8.63 14.65
CA GLY B 173 -10.17 -7.45 15.12
C GLY B 173 -11.66 -7.69 15.27
N SER B 174 -12.40 -6.68 15.69
CA SER B 174 -13.83 -6.76 15.75
C SER B 174 -14.43 -5.81 14.72
N ASP B 175 -15.69 -6.01 14.37
CA ASP B 175 -16.40 -5.01 13.58
C ASP B 175 -16.84 -3.86 14.50
N LEU B 176 -17.53 -2.87 13.98
CA LEU B 176 -17.84 -1.70 14.81
C LEU B 176 -19.04 -1.93 15.72
N ASP B 177 -19.67 -3.10 15.61
CA ASP B 177 -20.71 -3.52 16.55
C ASP B 177 -20.08 -4.29 17.72
N GLY B 178 -18.76 -4.48 17.68
CA GLY B 178 -18.08 -5.17 18.76
C GLY B 178 -18.08 -6.68 18.64
N VAL B 179 -18.41 -7.18 17.45
CA VAL B 179 -18.39 -8.59 17.15
C VAL B 179 -17.01 -8.99 16.60
N MET B 180 -16.27 -9.80 17.34
CA MET B 180 -15.00 -10.30 16.87
C MET B 180 -15.15 -11.15 15.61
N TYR B 181 -14.35 -10.84 14.61
CA TYR B 181 -14.27 -11.64 13.41
C TYR B 181 -13.78 -13.03 13.78
N GLY B 182 -14.50 -14.06 13.31
CA GLY B 182 -14.11 -15.43 13.56
C GLY B 182 -14.46 -15.96 14.93
N GLY B 183 -14.90 -15.08 15.82
CA GLY B 183 -15.30 -15.49 17.15
C GLY B 183 -14.14 -15.75 18.08
N TYR B 184 -12.94 -15.32 17.71
CA TYR B 184 -11.82 -15.35 18.63
C TYR B 184 -12.17 -14.53 19.87
N GLU B 185 -11.51 -14.83 20.99
CA GLU B 185 -11.79 -14.12 22.23
C GLU B 185 -10.81 -12.98 22.43
N ASP B 186 -11.22 -11.94 23.16
CA ASP B 186 -10.30 -10.90 23.61
C ASP B 186 -9.77 -11.25 24.99
N GLN B 187 -9.06 -12.37 25.04
CA GLN B 187 -8.52 -12.92 26.26
C GLN B 187 -7.03 -13.23 26.07
N PRO B 188 -6.28 -13.23 27.18
CA PRO B 188 -4.86 -13.62 27.10
C PRO B 188 -4.71 -15.12 26.88
N THR B 189 -5.82 -15.84 26.93
CA THR B 189 -5.80 -17.28 26.73
C THR B 189 -5.22 -17.60 25.36
N LEU B 190 -4.60 -18.77 25.22
CA LEU B 190 -4.00 -19.14 23.95
C LEU B 190 -5.02 -19.74 23.00
N GLN B 191 -5.09 -19.17 21.81
CA GLN B 191 -6.03 -19.63 20.80
C GLN B 191 -5.25 -19.84 19.50
N VAL B 192 -5.64 -20.84 18.73
CA VAL B 192 -5.02 -21.07 17.43
C VAL B 192 -5.94 -20.66 16.29
N GLU B 193 -5.39 -19.94 15.31
CA GLU B 193 -6.16 -19.59 14.12
C GLU B 193 -6.60 -20.87 13.45
N GLY B 194 -7.82 -20.84 12.91
CA GLY B 194 -8.28 -21.97 12.12
C GLY B 194 -7.48 -22.06 10.83
N ALA B 195 -7.70 -23.16 10.12
CA ALA B 195 -7.07 -23.39 8.81
C ALA B 195 -7.43 -22.26 7.85
N SER B 196 -6.44 -21.77 7.13
CA SER B 196 -6.66 -20.73 6.14
C SER B 196 -6.41 -21.27 4.74
N SER B 197 -7.35 -21.04 3.85
CA SER B 197 -7.22 -21.46 2.47
C SER B 197 -7.15 -20.25 1.58
N LEU B 198 -6.43 -20.37 0.46
CA LEU B 198 -6.34 -19.29 -0.51
C LEU B 198 -7.72 -19.02 -1.09
N PHE B 199 -8.14 -17.74 -1.05
CA PHE B 199 -9.41 -17.35 -1.64
C PHE B 199 -9.37 -17.38 -3.18
N THR B 200 -10.01 -18.39 -3.75
CA THR B 200 -9.89 -18.69 -5.17
C THR B 200 -10.45 -17.63 -6.12
N GLU B 201 -11.60 -17.04 -5.76
CA GLU B 201 -12.23 -16.04 -6.65
C GLU B 201 -11.32 -14.82 -6.84
N ASN B 202 -10.57 -14.50 -5.78
CA ASN B 202 -9.55 -13.49 -5.83
C ASN B 202 -8.33 -13.88 -6.66
N VAL B 203 -7.88 -15.13 -6.53
CA VAL B 203 -6.83 -15.64 -7.40
C VAL B 203 -7.28 -15.55 -8.85
N LEU B 204 -8.56 -15.83 -9.10
CA LEU B 204 -9.12 -15.70 -10.45
C LEU B 204 -8.99 -14.26 -10.95
N ALA B 205 -9.34 -13.30 -10.10
CA ALA B 205 -9.22 -11.89 -10.44
C ALA B 205 -7.77 -11.52 -10.79
N PHE B 206 -6.83 -12.00 -9.96
CA PHE B 206 -5.41 -11.73 -10.16
C PHE B 206 -4.95 -12.25 -11.52
N LEU B 207 -5.29 -13.50 -11.84
CA LEU B 207 -4.94 -14.10 -13.12
C LEU B 207 -5.48 -13.31 -14.31
N TYR B 208 -6.71 -12.81 -14.21
CA TYR B 208 -7.21 -11.92 -15.24
C TYR B 208 -6.36 -10.64 -15.38
N ALA B 209 -6.03 -10.02 -14.25
CA ALA B 209 -5.12 -8.86 -14.26
C ALA B 209 -3.83 -9.21 -14.97
N ALA B 210 -3.31 -10.40 -14.70
CA ALA B 210 -2.06 -10.83 -15.32
C ALA B 210 -2.20 -10.93 -16.85
N LEU B 211 -3.31 -11.50 -17.31
CA LEU B 211 -3.58 -11.59 -18.75
C LEU B 211 -3.64 -10.21 -19.37
N ILE B 212 -4.43 -9.34 -18.75
CA ILE B 212 -4.56 -7.98 -19.23
C ILE B 212 -3.21 -7.28 -19.30
N ASN B 213 -2.30 -7.62 -18.39
CA ASN B 213 -0.95 -7.07 -18.43
C ASN B 213 0.08 -7.86 -19.27
N GLY B 214 -0.39 -8.84 -20.03
CA GLY B 214 0.49 -9.53 -20.95
C GLY B 214 1.26 -10.70 -20.35
N SER B 215 0.81 -11.17 -19.19
CA SER B 215 1.41 -12.35 -18.58
C SER B 215 0.55 -13.57 -18.96
N THR B 216 1.12 -14.51 -19.71
CA THR B 216 0.35 -15.64 -20.23
C THR B 216 1.10 -16.97 -20.07
N TRP B 217 2.30 -16.94 -19.51
CA TRP B 217 3.16 -18.12 -19.50
C TRP B 217 2.49 -19.29 -18.77
N TRP B 218 1.59 -18.95 -17.87
CA TRP B 218 1.03 -19.91 -16.93
C TRP B 218 -0.31 -20.41 -17.47
N LEU B 219 -0.78 -19.81 -18.56
CA LEU B 219 -2.14 -20.06 -19.04
C LEU B 219 -2.34 -21.48 -19.57
N SER B 220 -3.21 -22.23 -18.91
CA SER B 220 -3.48 -23.62 -19.31
C SER B 220 -4.34 -23.72 -20.55
N SER B 221 -4.17 -24.81 -21.30
CA SER B 221 -5.05 -25.08 -22.43
C SER B 221 -6.21 -25.97 -22.01
N SER B 222 -6.01 -26.75 -20.95
CA SER B 222 -7.10 -27.55 -20.36
C SER B 222 -8.18 -26.68 -19.75
N ARG B 223 -9.26 -27.33 -19.31
CA ARG B 223 -10.38 -26.69 -18.63
C ARG B 223 -10.87 -27.63 -17.55
N ILE B 224 -11.61 -27.08 -16.60
CA ILE B 224 -12.23 -27.90 -15.56
C ILE B 224 -13.48 -27.19 -15.06
N ALA B 225 -14.52 -27.96 -14.78
CA ALA B 225 -15.80 -27.38 -14.37
C ALA B 225 -15.69 -26.87 -12.94
N VAL B 226 -16.46 -25.83 -12.62
CA VAL B 226 -16.39 -25.17 -11.33
C VAL B 226 -16.55 -26.12 -10.14
N ASP B 227 -17.56 -26.99 -10.21
CA ASP B 227 -17.86 -27.89 -9.09
C ASP B 227 -16.85 -29.04 -8.95
N ARG B 228 -16.28 -29.48 -10.06
CA ARG B 228 -15.20 -30.45 -10.03
C ARG B 228 -13.95 -29.79 -9.43
N PHE B 229 -13.75 -28.50 -9.76
CA PHE B 229 -12.64 -27.76 -9.14
C PHE B 229 -12.85 -27.62 -7.63
N ASN B 230 -14.06 -27.23 -7.23
CA ASN B 230 -14.35 -27.00 -5.83
C ASN B 230 -14.10 -28.24 -4.99
N GLU B 231 -14.26 -29.41 -5.62
CA GLU B 231 -14.01 -30.66 -4.92
C GLU B 231 -12.52 -30.85 -4.68
N TRP B 232 -11.72 -30.43 -5.65
CA TRP B 232 -10.28 -30.46 -5.51
C TRP B 232 -9.81 -29.39 -4.53
N ALA B 233 -10.47 -28.24 -4.58
CA ALA B 233 -10.07 -27.07 -3.80
C ALA B 233 -9.97 -27.39 -2.33
N VAL B 234 -11.03 -28.02 -1.82
CA VAL B 234 -11.18 -28.30 -0.40
C VAL B 234 -10.10 -29.23 0.15
N HIS B 235 -9.51 -30.03 -0.73
CA HIS B 235 -8.41 -30.91 -0.34
C HIS B 235 -7.05 -30.34 -0.68
N ASN B 236 -7.00 -29.06 -1.09
CA ASN B 236 -5.75 -28.47 -1.55
C ASN B 236 -5.48 -27.05 -1.07
N GLY B 237 -6.09 -26.67 0.05
CA GLY B 237 -5.87 -25.36 0.64
C GLY B 237 -6.44 -24.20 -0.17
N MET B 238 -7.60 -24.43 -0.80
CA MET B 238 -8.23 -23.37 -1.58
C MET B 238 -9.73 -23.38 -1.33
N THR B 239 -10.32 -22.20 -1.36
CA THR B 239 -11.77 -22.08 -1.21
C THR B 239 -12.49 -22.42 -2.52
N THR B 240 -13.77 -22.75 -2.37
CA THR B 240 -14.64 -23.09 -3.47
C THR B 240 -14.94 -21.85 -4.27
N VAL B 241 -15.25 -22.03 -5.55
CA VAL B 241 -15.75 -20.93 -6.35
C VAL B 241 -17.27 -20.95 -6.27
N VAL B 242 -17.85 -19.81 -5.90
CA VAL B 242 -19.29 -19.67 -5.73
C VAL B 242 -19.88 -18.60 -6.67
N ASN B 243 -19.19 -17.48 -6.82
CA ASN B 243 -19.63 -16.42 -7.73
C ASN B 243 -18.77 -16.32 -8.98
N THR B 244 -19.39 -16.33 -10.16
CA THR B 244 -18.65 -16.26 -11.41
C THR B 244 -19.13 -15.17 -12.38
N ASP B 245 -20.29 -14.58 -12.09
CA ASP B 245 -20.86 -13.55 -12.98
C ASP B 245 -20.06 -12.25 -12.99
N CYS B 246 -19.32 -12.01 -11.92
CA CYS B 246 -18.47 -10.83 -11.82
C CYS B 246 -17.22 -10.93 -12.71
N PHE B 247 -16.94 -12.11 -13.25
CA PHE B 247 -15.80 -12.25 -14.16
C PHE B 247 -16.17 -11.97 -15.61
N SER B 248 -17.46 -11.73 -15.88
CA SER B 248 -17.98 -11.62 -17.25
C SER B 248 -17.22 -10.62 -18.12
N ILE B 249 -17.02 -9.41 -17.60
CA ILE B 249 -16.29 -8.42 -18.37
C ILE B 249 -14.81 -8.79 -18.51
N LEU B 250 -14.20 -9.36 -17.46
CA LEU B 250 -12.79 -9.76 -17.55
C LEU B 250 -12.60 -10.89 -18.57
N ALA B 251 -13.45 -11.91 -18.49
CA ALA B 251 -13.45 -13.00 -19.45
C ALA B 251 -13.68 -12.49 -20.87
N ALA B 252 -14.54 -11.47 -21.00
CA ALA B 252 -14.83 -10.89 -22.30
C ALA B 252 -13.62 -10.16 -22.87
N LYS B 253 -12.96 -9.36 -22.04
CA LYS B 253 -11.81 -8.58 -22.48
C LYS B 253 -10.60 -9.43 -22.83
N THR B 254 -10.48 -10.61 -22.22
CA THR B 254 -9.26 -11.41 -22.41
C THR B 254 -9.44 -12.60 -23.36
N GLY B 255 -10.67 -13.04 -23.52
CA GLY B 255 -10.94 -14.22 -24.31
C GLY B 255 -10.69 -15.50 -23.54
N VAL B 256 -10.57 -15.39 -22.23
CA VAL B 256 -10.23 -16.55 -21.39
C VAL B 256 -11.32 -16.78 -20.36
N ASP B 257 -11.93 -17.96 -20.38
CA ASP B 257 -13.02 -18.21 -19.44
C ASP B 257 -12.51 -18.76 -18.10
N VAL B 258 -13.41 -18.84 -17.12
CA VAL B 258 -13.05 -19.24 -15.76
C VAL B 258 -12.55 -20.67 -15.68
N GLN B 259 -13.17 -21.56 -16.45
CA GLN B 259 -12.82 -22.99 -16.44
C GLN B 259 -11.36 -23.19 -16.83
N ARG B 260 -10.91 -22.39 -17.78
CA ARG B 260 -9.52 -22.42 -18.20
C ARG B 260 -8.57 -21.89 -17.11
N LEU B 261 -8.97 -20.81 -16.43
CA LEU B 261 -8.19 -20.30 -15.29
C LEU B 261 -8.13 -21.28 -14.11
N LEU B 262 -9.21 -21.99 -13.87
CA LEU B 262 -9.25 -23.00 -12.81
C LEU B 262 -8.26 -24.13 -13.10
N ALA B 263 -8.16 -24.50 -14.37
CA ALA B 263 -7.17 -25.48 -14.80
C ALA B 263 -5.76 -24.96 -14.60
N SER B 264 -5.55 -23.68 -14.93
CA SER B 264 -4.27 -23.02 -14.75
C SER B 264 -3.88 -22.97 -13.27
N ILE B 265 -4.85 -22.71 -12.42
CA ILE B 265 -4.62 -22.69 -10.99
C ILE B 265 -4.12 -24.07 -10.53
N GLN B 266 -4.70 -25.13 -11.07
CA GLN B 266 -4.28 -26.47 -10.67
C GLN B 266 -2.85 -26.77 -11.08
N SER B 267 -2.46 -26.33 -12.27
CA SER B 267 -1.10 -26.55 -12.74
C SER B 267 -0.09 -25.72 -11.96
N LEU B 268 -0.47 -24.50 -11.59
CA LEU B 268 0.40 -23.63 -10.79
C LEU B 268 0.64 -24.20 -9.39
N HIS B 269 -0.26 -25.04 -8.92
CA HIS B 269 -0.11 -25.71 -7.63
C HIS B 269 0.98 -26.77 -7.67
N LYS B 270 1.16 -27.37 -8.85
CA LYS B 270 2.09 -28.49 -9.03
C LYS B 270 3.57 -28.09 -9.18
N ASN B 271 3.82 -26.89 -9.71
CA ASN B 271 5.19 -26.37 -9.74
C ASN B 271 5.26 -25.03 -8.99
N PHE B 272 4.74 -25.04 -7.77
CA PHE B 272 4.47 -23.81 -7.02
C PHE B 272 5.69 -22.99 -6.60
N GLY B 273 5.85 -21.83 -7.20
CA GLY B 273 7.02 -20.99 -6.96
C GLY B 273 8.02 -20.90 -8.11
N GLY B 274 7.88 -21.75 -9.12
CA GLY B 274 8.86 -21.86 -10.19
C GLY B 274 8.98 -20.64 -11.08
N LYS B 275 8.10 -19.67 -10.84
CA LYS B 275 8.10 -18.43 -11.59
C LYS B 275 7.07 -17.49 -10.94
N GLN B 276 7.31 -16.19 -11.07
CA GLN B 276 6.40 -15.19 -10.55
C GLN B 276 5.32 -14.91 -11.58
N ILE B 277 4.25 -14.27 -11.15
CA ILE B 277 3.28 -13.67 -12.04
C ILE B 277 3.17 -12.18 -11.70
N LEU B 278 3.53 -11.33 -12.65
CA LEU B 278 3.68 -9.88 -12.43
C LEU B 278 4.54 -9.53 -11.21
N GLY B 279 5.52 -10.38 -10.88
CA GLY B 279 6.35 -10.13 -9.71
C GLY B 279 5.74 -10.70 -8.43
N TYR B 280 4.50 -11.14 -8.51
CA TYR B 280 3.84 -11.75 -7.35
C TYR B 280 3.96 -13.27 -7.33
N THR B 281 3.78 -13.85 -6.15
CA THR B 281 3.58 -15.27 -6.01
C THR B 281 2.42 -15.66 -6.91
N SER B 282 2.59 -16.75 -7.67
CA SER B 282 1.61 -17.13 -8.68
C SER B 282 0.16 -17.22 -8.21
N LEU B 283 -0.06 -17.70 -6.98
CA LEU B 283 -1.41 -17.90 -6.47
C LEU B 283 -1.85 -16.80 -5.49
N THR B 284 -1.59 -15.55 -5.86
CA THR B 284 -1.97 -14.40 -5.04
C THR B 284 -3.50 -14.29 -4.88
N ASP B 285 -3.96 -14.08 -3.66
CA ASP B 285 -5.41 -13.95 -3.40
C ASP B 285 -5.82 -12.65 -2.68
N GLU B 286 -4.97 -11.63 -2.73
CA GLU B 286 -5.28 -10.39 -2.02
C GLU B 286 -6.10 -9.40 -2.88
N PHE B 287 -6.27 -9.71 -4.15
CA PHE B 287 -6.93 -8.79 -5.08
C PHE B 287 -8.33 -9.30 -5.41
N THR B 288 -9.33 -8.45 -5.20
CA THR B 288 -10.69 -8.83 -5.52
C THR B 288 -11.01 -8.42 -6.95
N THR B 289 -12.13 -8.90 -7.48
CA THR B 289 -12.55 -8.52 -8.83
C THR B 289 -12.71 -7.00 -8.98
N GLY B 290 -13.31 -6.36 -7.98
CA GLY B 290 -13.48 -4.92 -7.97
C GLY B 290 -12.17 -4.16 -8.07
N GLU B 291 -11.19 -4.56 -7.27
CA GLU B 291 -9.87 -3.93 -7.30
C GLU B 291 -9.19 -4.01 -8.66
N VAL B 292 -9.29 -5.17 -9.31
CA VAL B 292 -8.65 -5.36 -10.60
C VAL B 292 -9.29 -4.51 -11.69
N ILE B 293 -10.62 -4.51 -11.74
CA ILE B 293 -11.35 -3.71 -12.72
C ILE B 293 -11.07 -2.22 -12.54
N ARG B 294 -11.09 -1.74 -11.30
CA ARG B 294 -10.72 -0.35 -10.98
C ARG B 294 -9.32 -0.01 -11.46
N GLN B 295 -8.35 -0.90 -11.22
CA GLN B 295 -6.97 -0.64 -11.57
C GLN B 295 -6.63 -0.83 -13.05
N MET B 296 -7.33 -1.74 -13.72
CA MET B 296 -7.06 -1.90 -15.16
C MET B 296 -7.77 -0.82 -15.99
N TYR B 297 -8.96 -0.41 -15.55
CA TYR B 297 -9.86 0.40 -16.37
C TYR B 297 -10.31 1.73 -15.73
N GLY B 298 -10.38 1.79 -14.42
CA GLY B 298 -10.88 2.98 -13.76
C GLY B 298 -12.36 2.88 -13.45
N SER C 2 7.12 1.80 -26.99
CA SER C 2 7.23 3.27 -27.02
C SER C 2 6.65 3.90 -25.75
N ALA C 3 7.45 4.75 -25.12
CA ALA C 3 7.05 5.48 -23.91
C ALA C 3 5.65 6.06 -24.01
N VAL C 4 4.87 5.91 -22.93
CA VAL C 4 3.52 6.45 -22.89
C VAL C 4 3.41 7.56 -21.83
N LEU C 5 3.28 8.80 -22.29
CA LEU C 5 3.13 9.96 -21.41
C LEU C 5 1.71 9.99 -20.84
N GLN C 6 1.59 9.80 -19.52
CA GLN C 6 0.30 9.44 -18.90
C GLN C 6 -0.67 10.56 -18.49
N SER C 7 -0.83 11.56 -19.37
CA SER C 7 -1.93 12.48 -19.23
C SER C 7 -3.15 11.79 -19.83
N GLY C 8 -4.33 12.29 -19.48
CA GLY C 8 -5.57 11.76 -20.02
C GLY C 8 -6.22 12.81 -20.90
N PHE C 9 -7.35 12.46 -21.51
CA PHE C 9 -8.14 13.43 -22.27
C PHE C 9 -9.11 14.15 -21.33
#